data_9EW6
#
_entry.id   9EW6
#
_cell.length_a   81.783
_cell.length_b   96.043
_cell.length_c   80.440
_cell.angle_alpha   90.00
_cell.angle_beta   90.00
_cell.angle_gamma   90.00
#
_symmetry.space_group_name_H-M   'C 2 2 21'
#
loop_
_entity.id
_entity.type
_entity.pdbx_description
1 polymer '14-3-3 protein sigma'
2 polymer 'Serine/threonine-protein kinase B-raf'
3 non-polymer 'CHLORIDE ION'
4 non-polymer 'MAGNESIUM ION'
5 water water
#
loop_
_entity_poly.entity_id
_entity_poly.type
_entity_poly.pdbx_seq_one_letter_code
_entity_poly.pdbx_strand_id
1 'polypeptide(L)'
;GAMGSMERASLIQKAKLAEQAERYEDMAAFMKGAVEKGEELSCEERNLLSVAYKNVVGGQRAAWRVLSSIEQKSNEEGSE
EKGPEVREYREKVETELQGVCDTVLGLLDSHLIKEAGDAESRVFYLKMKGDYYRYLAEVATGDDKKRIIDSARSAYQEAM
DISKKEMPPTNPIRLGLALNFSVFHYEIANSPEEAISLAKTTFDEAMADLHTLSEDSYKDSTLIMQLLRDNLTLWT
;
A
2 'polypeptide(L)' DRSS(SEP)APNV P
#
loop_
_chem_comp.id
_chem_comp.type
_chem_comp.name
_chem_comp.formula
CL non-polymer 'CHLORIDE ION' 'Cl -1'
MG non-polymer 'MAGNESIUM ION' 'Mg 2'
#
# COMPACT_ATOMS: atom_id res chain seq x y z
N MET A 6 -14.17 20.88 -10.67
CA MET A 6 -14.43 21.33 -12.03
C MET A 6 -14.48 20.09 -12.92
N GLU A 7 -14.42 20.29 -14.25
CA GLU A 7 -14.44 19.19 -15.20
C GLU A 7 -13.39 18.11 -14.92
N ARG A 8 -13.79 16.85 -15.13
CA ARG A 8 -12.95 15.71 -14.82
C ARG A 8 -11.65 15.73 -15.61
N ALA A 9 -11.77 16.03 -16.91
CA ALA A 9 -10.56 16.06 -17.72
C ALA A 9 -9.54 17.10 -17.27
N SER A 10 -10.01 18.23 -16.74
CA SER A 10 -9.14 19.28 -16.25
C SER A 10 -8.41 18.82 -14.99
N LEU A 11 -9.14 18.09 -14.13
CA LEU A 11 -8.53 17.55 -12.91
C LEU A 11 -7.41 16.56 -13.23
N ILE A 12 -7.66 15.68 -14.21
CA ILE A 12 -6.64 14.70 -14.61
C ILE A 12 -5.43 15.43 -15.16
N GLN A 13 -5.68 16.43 -16.04
CA GLN A 13 -4.59 17.19 -16.61
C GLN A 13 -3.72 17.78 -15.47
N LYS A 14 -4.38 18.38 -14.49
CA LYS A 14 -3.69 19.01 -13.36
C LYS A 14 -2.96 18.01 -12.47
N ALA A 15 -3.52 16.81 -12.33
CA ALA A 15 -2.82 15.75 -11.62
C ALA A 15 -1.52 15.38 -12.33
N LYS A 16 -1.53 15.31 -13.67
CA LYS A 16 -0.31 14.97 -14.39
C LYS A 16 0.73 16.10 -14.37
N LEU A 17 0.27 17.36 -14.37
CA LEU A 17 1.14 18.50 -14.19
C LEU A 17 1.77 18.43 -12.79
N ALA A 18 0.93 18.19 -11.79
CA ALA A 18 1.41 18.07 -10.41
C ALA A 18 2.52 17.02 -10.30
N GLU A 19 2.30 15.88 -10.96
CA GLU A 19 3.29 14.82 -10.95
C GLU A 19 4.62 15.27 -11.54
N GLN A 20 4.59 15.93 -12.70
CA GLN A 20 5.80 16.45 -13.31
C GLN A 20 6.49 17.47 -12.42
N ALA A 21 5.70 18.24 -11.68
CA ALA A 21 6.21 19.24 -10.74
C ALA A 21 6.65 18.70 -9.39
N GLU A 22 6.43 17.40 -9.14
CA GLU A 22 6.70 16.75 -7.85
C GLU A 22 5.92 17.38 -6.71
N ARG A 23 4.71 17.82 -7.05
CA ARG A 23 3.77 18.39 -6.11
C ARG A 23 2.73 17.34 -5.72
N TYR A 24 3.14 16.39 -4.87
CA TYR A 24 2.31 15.23 -4.61
C TYR A 24 1.03 15.50 -3.81
N GLU A 25 1.05 16.45 -2.85
CA GLU A 25 -0.19 16.80 -2.15
C GLU A 25 -1.23 17.33 -3.15
N ASP A 26 -0.79 18.20 -4.05
CA ASP A 26 -1.68 18.76 -5.06
C ASP A 26 -2.17 17.63 -5.96
N MET A 27 -1.24 16.80 -6.41
CA MET A 27 -1.56 15.66 -7.26
C MET A 27 -2.65 14.77 -6.65
N ALA A 28 -2.49 14.47 -5.34
CA ALA A 28 -3.51 13.70 -4.67
C ALA A 28 -4.86 14.38 -4.61
N ALA A 29 -4.87 15.70 -4.33
CA ALA A 29 -6.12 16.45 -4.25
C ALA A 29 -6.83 16.47 -5.61
N PHE A 30 -6.05 16.57 -6.69
CA PHE A 30 -6.66 16.59 -8.03
C PHE A 30 -7.28 15.23 -8.31
N MET A 31 -6.55 14.15 -8.02
CA MET A 31 -7.08 12.82 -8.24
C MET A 31 -8.30 12.52 -7.34
N LYS A 32 -8.32 13.03 -6.11
CA LYS A 32 -9.52 12.90 -5.28
C LYS A 32 -10.76 13.50 -5.94
N GLY A 33 -10.59 14.72 -6.46
CA GLY A 33 -11.66 15.40 -7.18
C GLY A 33 -12.12 14.57 -8.38
N ALA A 34 -11.16 13.95 -9.08
CA ALA A 34 -11.49 13.14 -10.26
C ALA A 34 -12.27 11.89 -9.85
N VAL A 35 -11.85 11.22 -8.78
CA VAL A 35 -12.57 10.05 -8.30
C VAL A 35 -14.01 10.42 -7.98
N GLU A 36 -14.17 11.58 -7.33
CA GLU A 36 -15.47 11.99 -6.82
C GLU A 36 -16.47 12.28 -7.94
N LYS A 37 -16.01 12.33 -9.20
CA LYS A 37 -16.91 12.40 -10.33
C LYS A 37 -17.66 11.09 -10.54
N GLY A 38 -17.17 10.02 -9.93
CA GLY A 38 -17.92 8.78 -9.89
C GLY A 38 -17.78 7.90 -11.12
N GLU A 39 -16.85 8.22 -12.01
CA GLU A 39 -16.56 7.35 -13.13
C GLU A 39 -15.35 6.48 -12.75
N GLU A 40 -15.26 5.31 -13.40
CA GLU A 40 -14.07 4.49 -13.19
C GLU A 40 -12.79 5.22 -13.58
N LEU A 41 -11.69 4.75 -12.97
CA LEU A 41 -10.35 5.16 -13.32
C LEU A 41 -9.73 4.12 -14.23
N SER A 42 -9.08 4.60 -15.29
CA SER A 42 -8.22 3.79 -16.13
C SER A 42 -7.01 3.32 -15.34
N CYS A 43 -6.27 2.38 -15.94
CA CYS A 43 -5.02 1.92 -15.35
CA CYS A 43 -5.03 1.93 -15.34
C CYS A 43 -4.07 3.08 -15.04
N GLU A 44 -3.85 3.96 -16.02
CA GLU A 44 -3.02 5.13 -15.88
C GLU A 44 -3.49 5.99 -14.70
N GLU A 45 -4.81 6.22 -14.61
CA GLU A 45 -5.39 7.07 -13.59
C GLU A 45 -5.30 6.45 -12.19
N ARG A 46 -5.57 5.15 -12.07
CA ARG A 46 -5.34 4.40 -10.83
C ARG A 46 -3.93 4.63 -10.33
N ASN A 47 -2.98 4.60 -11.26
CA ASN A 47 -1.58 4.76 -10.88
C ASN A 47 -1.26 6.19 -10.47
N LEU A 48 -1.92 7.18 -11.08
CA LEU A 48 -1.78 8.57 -10.64
C LEU A 48 -2.25 8.71 -9.19
N LEU A 49 -3.40 8.11 -8.89
CA LEU A 49 -3.97 8.19 -7.55
C LEU A 49 -3.00 7.53 -6.58
N SER A 50 -2.55 6.32 -6.92
CA SER A 50 -1.71 5.56 -5.97
C SER A 50 -0.36 6.23 -5.73
N VAL A 51 0.28 6.73 -6.79
CA VAL A 51 1.55 7.43 -6.65
C VAL A 51 1.45 8.68 -5.78
N ALA A 52 0.39 9.46 -5.98
CA ALA A 52 0.17 10.71 -5.28
C ALA A 52 0.07 10.42 -3.78
N TYR A 53 -0.89 9.59 -3.40
CA TYR A 53 -1.15 9.33 -1.98
C TYR A 53 0.01 8.58 -1.33
N LYS A 54 0.67 7.68 -2.06
CA LYS A 54 1.81 6.98 -1.46
C LYS A 54 2.99 7.90 -1.15
N ASN A 55 3.21 8.91 -2.00
CA ASN A 55 4.23 9.90 -1.77
C ASN A 55 3.91 10.74 -0.54
N VAL A 56 2.63 11.11 -0.37
CA VAL A 56 2.18 11.90 0.75
C VAL A 56 2.34 11.09 2.06
N VAL A 57 1.73 9.89 2.10
CA VAL A 57 1.79 9.10 3.33
C VAL A 57 3.23 8.65 3.59
N GLY A 58 4.00 8.42 2.53
CA GLY A 58 5.40 8.02 2.68
C GLY A 58 6.26 9.01 3.46
N GLY A 59 6.05 10.29 3.19
CA GLY A 59 6.75 11.36 3.90
C GLY A 59 6.34 11.32 5.37
N GLN A 60 5.03 11.16 5.63
CA GLN A 60 4.55 11.17 7.02
C GLN A 60 5.06 9.93 7.76
N ARG A 61 5.01 8.76 7.11
CA ARG A 61 5.51 7.54 7.75
C ARG A 61 7.00 7.67 8.11
N ALA A 62 7.79 8.22 7.16
CA ALA A 62 9.23 8.34 7.42
C ALA A 62 9.48 9.26 8.62
N ALA A 63 8.72 10.37 8.69
CA ALA A 63 8.81 11.33 9.78
C ALA A 63 8.36 10.70 11.11
N TRP A 64 7.21 10.02 11.09
CA TRP A 64 6.71 9.32 12.27
C TRP A 64 7.71 8.32 12.82
N ARG A 65 8.36 7.55 11.93
CA ARG A 65 9.35 6.58 12.40
C ARG A 65 10.56 7.22 13.07
N VAL A 66 11.07 8.31 12.47
CA VAL A 66 12.16 9.07 13.07
C VAL A 66 11.80 9.55 14.47
N LEU A 67 10.61 10.15 14.57
CA LEU A 67 10.16 10.74 15.82
C LEU A 67 9.84 9.66 16.86
N SER A 68 9.15 8.59 16.45
CA SER A 68 8.83 7.49 17.36
C SER A 68 10.09 6.81 17.90
N SER A 69 11.11 6.68 17.05
CA SER A 69 12.36 6.10 17.53
C SER A 69 13.05 6.92 18.62
N ILE A 70 13.04 8.25 18.44
CA ILE A 70 13.62 9.15 19.42
C ILE A 70 12.79 9.06 20.70
N GLU A 71 11.46 9.15 20.55
CA GLU A 71 10.55 9.08 21.69
C GLU A 71 10.75 7.82 22.52
N GLN A 72 10.83 6.67 21.85
CA GLN A 72 11.06 5.39 22.54
C GLN A 72 12.41 5.35 23.26
N LYS A 73 13.43 5.92 22.61
CA LYS A 73 14.79 5.91 23.15
C LYS A 73 14.94 6.77 24.40
N SER A 74 13.97 7.66 24.62
CA SER A 74 13.98 8.55 25.76
C SER A 74 13.16 7.99 26.93
N ASN A 75 12.10 7.23 26.61
CA ASN A 75 11.24 6.65 27.63
C ASN A 75 11.83 5.39 28.27
N GLU A 76 13.15 5.43 28.47
CA GLU A 76 13.86 4.42 29.21
C GLU A 76 14.55 5.16 30.36
N GLU A 77 15.67 5.84 30.07
CA GLU A 77 16.32 6.72 31.04
C GLU A 77 17.03 7.88 30.34
N GLY A 78 16.59 9.10 30.67
CA GLY A 78 17.14 10.31 30.07
C GLY A 78 16.64 10.55 28.66
N GLY A 83 11.35 16.73 28.21
CA GLY A 83 10.28 17.63 27.79
C GLY A 83 9.25 16.91 26.92
N PRO A 84 8.07 17.54 26.71
CA PRO A 84 7.01 16.93 25.88
C PRO A 84 7.17 17.07 24.35
N GLU A 85 8.26 17.71 23.91
CA GLU A 85 8.33 18.14 22.51
C GLU A 85 8.28 16.98 21.54
N VAL A 86 9.08 15.94 21.78
CA VAL A 86 9.17 14.79 20.88
C VAL A 86 7.80 14.13 20.78
N ARG A 87 7.18 13.86 21.92
CA ARG A 87 5.85 13.25 21.95
C ARG A 87 4.85 14.11 21.16
N GLU A 88 4.87 15.43 21.41
CA GLU A 88 3.87 16.34 20.88
C GLU A 88 3.98 16.34 19.37
N TYR A 89 5.24 16.38 18.90
CA TYR A 89 5.44 16.43 17.44
C TYR A 89 5.12 15.09 16.78
N ARG A 90 5.44 13.98 17.45
CA ARG A 90 5.05 12.66 17.00
C ARG A 90 3.53 12.54 16.89
N GLU A 91 2.81 13.13 17.85
CA GLU A 91 1.35 13.11 17.85
C GLU A 91 0.79 13.93 16.68
N LYS A 92 1.40 15.11 16.41
CA LYS A 92 0.98 15.95 15.30
C LYS A 92 1.12 15.17 13.99
N VAL A 93 2.27 14.54 13.79
CA VAL A 93 2.50 13.86 12.51
C VAL A 93 1.56 12.67 12.37
N GLU A 94 1.37 11.93 13.46
CA GLU A 94 0.43 10.82 13.50
C GLU A 94 -1.00 11.19 13.09
N THR A 95 -1.47 12.33 13.58
CA THR A 95 -2.83 12.79 13.34
C THR A 95 -2.91 13.09 11.84
N GLU A 96 -1.87 13.75 11.33
CA GLU A 96 -1.85 14.05 9.88
C GLU A 96 -1.91 12.77 9.04
N LEU A 97 -1.07 11.79 9.42
CA LEU A 97 -1.02 10.53 8.70
C LEU A 97 -2.37 9.80 8.72
N GLN A 98 -3.03 9.79 9.88
CA GLN A 98 -4.32 9.13 10.02
C GLN A 98 -5.34 9.82 9.08
N GLY A 99 -5.30 11.16 9.00
CA GLY A 99 -6.19 11.92 8.11
C GLY A 99 -6.03 11.55 6.65
N VAL A 100 -4.77 11.41 6.20
CA VAL A 100 -4.55 11.01 4.80
C VAL A 100 -5.03 9.58 4.53
N CYS A 101 -4.66 8.63 5.42
CA CYS A 101 -5.12 7.26 5.28
C CYS A 101 -6.65 7.20 5.26
N ASP A 102 -7.31 7.93 6.19
CA ASP A 102 -8.75 7.95 6.24
C ASP A 102 -9.35 8.49 4.93
N THR A 103 -8.70 9.49 4.32
CA THR A 103 -9.18 10.08 3.07
C THR A 103 -9.13 9.06 1.94
N VAL A 104 -7.99 8.37 1.81
CA VAL A 104 -7.86 7.30 0.82
C VAL A 104 -8.89 6.18 1.02
N LEU A 105 -9.03 5.70 2.26
CA LEU A 105 -9.99 4.64 2.55
C LEU A 105 -11.41 5.09 2.24
N GLY A 106 -11.69 6.38 2.44
CA GLY A 106 -12.97 6.99 2.13
C GLY A 106 -13.27 6.95 0.63
N LEU A 107 -12.25 7.26 -0.16
CA LEU A 107 -12.39 7.16 -1.61
C LEU A 107 -12.61 5.73 -2.08
N LEU A 108 -11.84 4.80 -1.53
CA LEU A 108 -12.00 3.38 -1.85
C LEU A 108 -13.40 2.85 -1.51
N ASP A 109 -13.92 3.18 -0.33
CA ASP A 109 -15.22 2.68 0.10
C ASP A 109 -16.42 3.42 -0.50
N SER A 110 -16.25 4.71 -0.83
CA SER A 110 -17.35 5.53 -1.35
C SER A 110 -17.52 5.34 -2.85
N HIS A 111 -16.41 5.07 -3.54
CA HIS A 111 -16.38 5.07 -4.98
C HIS A 111 -15.69 3.85 -5.59
N LEU A 112 -14.40 3.67 -5.30
CA LEU A 112 -13.56 2.90 -6.20
C LEU A 112 -13.83 1.39 -6.21
N ILE A 113 -14.02 0.77 -5.05
CA ILE A 113 -14.17 -0.67 -4.98
C ILE A 113 -15.49 -1.08 -5.61
N LYS A 114 -16.59 -0.47 -5.20
CA LYS A 114 -17.90 -0.89 -5.73
C LYS A 114 -18.13 -0.52 -7.18
N GLU A 115 -17.46 0.51 -7.69
CA GLU A 115 -17.66 0.94 -9.08
C GLU A 115 -16.73 0.26 -10.08
N ALA A 116 -15.75 -0.52 -9.60
CA ALA A 116 -14.78 -1.15 -10.49
C ALA A 116 -15.45 -2.21 -11.36
N GLY A 117 -15.16 -2.18 -12.67
CA GLY A 117 -15.85 -3.00 -13.66
C GLY A 117 -15.14 -4.31 -14.04
N ASP A 118 -13.95 -4.55 -13.47
CA ASP A 118 -13.15 -5.72 -13.80
C ASP A 118 -12.32 -6.22 -12.61
N ALA A 119 -11.79 -7.44 -12.77
CA ALA A 119 -11.06 -8.13 -11.73
C ALA A 119 -9.76 -7.43 -11.31
N GLU A 120 -9.00 -6.98 -12.31
CA GLU A 120 -7.74 -6.28 -12.05
C GLU A 120 -7.93 -5.04 -11.19
N SER A 121 -8.89 -4.19 -11.61
CA SER A 121 -9.26 -3.03 -10.84
C SER A 121 -9.61 -3.41 -9.40
N ARG A 122 -10.40 -4.46 -9.21
CA ARG A 122 -10.86 -4.83 -7.87
C ARG A 122 -9.71 -5.24 -6.96
N VAL A 123 -8.80 -6.04 -7.49
CA VAL A 123 -7.61 -6.45 -6.77
C VAL A 123 -6.74 -5.24 -6.42
N PHE A 124 -6.52 -4.36 -7.40
CA PHE A 124 -5.76 -3.14 -7.17
C PHE A 124 -6.27 -2.32 -5.99
N TYR A 125 -7.58 -2.11 -5.95
CA TYR A 125 -8.21 -1.29 -4.94
C TYR A 125 -8.32 -1.97 -3.58
N LEU A 126 -8.58 -3.28 -3.56
CA LEU A 126 -8.59 -4.03 -2.30
C LEU A 126 -7.20 -4.11 -1.66
N LYS A 127 -6.17 -4.31 -2.48
CA LYS A 127 -4.80 -4.22 -2.00
C LYS A 127 -4.49 -2.84 -1.39
N MET A 128 -4.91 -1.78 -2.08
CA MET A 128 -4.75 -0.43 -1.55
C MET A 128 -5.45 -0.32 -0.20
N LYS A 129 -6.66 -0.90 -0.13
CA LYS A 129 -7.42 -0.83 1.11
C LYS A 129 -6.60 -1.49 2.21
N GLY A 130 -6.03 -2.66 1.92
CA GLY A 130 -5.20 -3.35 2.92
C GLY A 130 -3.96 -2.54 3.32
N ASP A 131 -3.31 -1.95 2.31
CA ASP A 131 -2.15 -1.11 2.56
C ASP A 131 -2.41 0.10 3.48
N TYR A 132 -3.51 0.83 3.25
CA TYR A 132 -3.76 2.03 4.02
C TYR A 132 -4.23 1.65 5.42
N TYR A 133 -4.95 0.53 5.57
CA TYR A 133 -5.19 0.02 6.92
C TYR A 133 -3.89 -0.36 7.62
N ARG A 134 -2.96 -0.96 6.87
CA ARG A 134 -1.68 -1.34 7.42
C ARG A 134 -0.89 -0.12 7.91
N TYR A 135 -0.89 0.95 7.15
CA TYR A 135 -0.23 2.18 7.56
C TYR A 135 -0.89 2.75 8.82
N LEU A 136 -2.22 2.65 8.92
CA LEU A 136 -2.91 3.06 10.15
C LEU A 136 -2.48 2.18 11.33
N ALA A 137 -2.36 0.88 11.06
CA ALA A 137 -2.03 -0.08 12.11
C ALA A 137 -0.65 0.20 12.68
N GLU A 138 0.29 0.65 11.85
CA GLU A 138 1.63 1.00 12.30
C GLU A 138 1.67 2.03 13.44
N VAL A 139 0.71 2.94 13.49
CA VAL A 139 0.65 4.00 14.50
C VAL A 139 -0.44 3.81 15.54
N ALA A 140 -1.29 2.78 15.38
CA ALA A 140 -2.43 2.58 16.26
C ALA A 140 -2.07 1.96 17.61
N THR A 141 -2.98 2.20 18.55
CA THR A 141 -2.96 1.52 19.83
C THR A 141 -4.36 1.09 20.23
N GLY A 142 -4.44 0.23 21.27
CA GLY A 142 -5.71 -0.15 21.86
C GLY A 142 -6.73 -0.74 20.88
N ASP A 143 -8.00 -0.36 21.06
CA ASP A 143 -9.11 -0.97 20.38
C ASP A 143 -9.01 -0.60 18.89
N ASP A 144 -8.53 0.62 18.61
CA ASP A 144 -8.35 1.11 17.25
C ASP A 144 -7.45 0.15 16.48
N LYS A 145 -6.34 -0.24 17.08
CA LYS A 145 -5.39 -1.12 16.44
C LYS A 145 -6.03 -2.46 16.09
N LYS A 146 -6.79 -3.04 17.04
CA LYS A 146 -7.42 -4.32 16.80
C LYS A 146 -8.38 -4.26 15.62
N ARG A 147 -9.27 -3.25 15.61
CA ARG A 147 -10.22 -3.19 14.52
C ARG A 147 -9.53 -2.90 13.18
N ILE A 148 -8.48 -2.07 13.19
CA ILE A 148 -7.73 -1.81 11.97
C ILE A 148 -7.08 -3.07 11.42
N ILE A 149 -6.46 -3.87 12.30
CA ILE A 149 -5.79 -5.07 11.86
C ILE A 149 -6.77 -6.05 11.21
N ASP A 150 -7.97 -6.19 11.82
CA ASP A 150 -9.01 -7.06 11.30
C ASP A 150 -9.40 -6.57 9.90
N SER A 151 -9.59 -5.25 9.74
CA SER A 151 -9.97 -4.66 8.46
C SER A 151 -8.91 -4.88 7.38
N ALA A 152 -7.63 -4.69 7.74
CA ALA A 152 -6.55 -4.95 6.80
C ALA A 152 -6.53 -6.39 6.33
N ARG A 153 -6.59 -7.35 7.26
CA ARG A 153 -6.59 -8.75 6.91
C ARG A 153 -7.73 -9.11 5.95
N SER A 154 -8.93 -8.60 6.23
CA SER A 154 -10.12 -8.87 5.43
CA SER A 154 -10.10 -8.90 5.42
C SER A 154 -9.95 -8.38 3.99
N ALA A 155 -9.41 -7.16 3.85
CA ALA A 155 -9.23 -6.58 2.53
C ALA A 155 -8.19 -7.36 1.72
N TYR A 156 -7.04 -7.61 2.33
CA TYR A 156 -5.99 -8.37 1.69
C TYR A 156 -6.47 -9.75 1.26
N GLN A 157 -7.20 -10.43 2.16
CA GLN A 157 -7.66 -11.77 1.88
C GLN A 157 -8.64 -11.83 0.71
N GLU A 158 -9.54 -10.84 0.61
CA GLU A 158 -10.47 -10.79 -0.50
C GLU A 158 -9.72 -10.57 -1.81
N ALA A 159 -8.76 -9.63 -1.80
CA ALA A 159 -7.88 -9.39 -2.94
C ALA A 159 -7.12 -10.66 -3.36
N MET A 160 -6.59 -11.38 -2.36
CA MET A 160 -5.88 -12.62 -2.63
C MET A 160 -6.77 -13.64 -3.35
N ASP A 161 -8.03 -13.78 -2.88
CA ASP A 161 -8.96 -14.73 -3.46
C ASP A 161 -9.25 -14.42 -4.93
N ILE A 162 -9.47 -13.14 -5.25
CA ILE A 162 -9.68 -12.73 -6.64
C ILE A 162 -8.43 -12.99 -7.48
N SER A 163 -7.26 -12.58 -6.96
CA SER A 163 -6.04 -12.66 -7.74
C SER A 163 -5.69 -14.10 -8.09
N LYS A 164 -5.96 -15.03 -7.16
CA LYS A 164 -5.69 -16.44 -7.39
C LYS A 164 -6.58 -17.03 -8.47
N LYS A 165 -7.82 -16.53 -8.59
CA LYS A 165 -8.73 -16.94 -9.65
C LYS A 165 -8.47 -16.28 -11.00
N GLU A 166 -8.03 -15.02 -10.99
CA GLU A 166 -8.12 -14.19 -12.19
C GLU A 166 -6.78 -13.81 -12.81
N MET A 167 -5.67 -14.09 -12.11
CA MET A 167 -4.37 -13.60 -12.52
C MET A 167 -3.37 -14.75 -12.49
N PRO A 168 -2.41 -14.81 -13.44
CA PRO A 168 -1.36 -15.84 -13.39
C PRO A 168 -0.40 -15.53 -12.24
N PRO A 169 0.37 -16.53 -11.80
CA PRO A 169 1.28 -16.37 -10.65
C PRO A 169 2.41 -15.36 -10.79
N THR A 170 2.77 -15.00 -12.03
CA THR A 170 3.80 -13.99 -12.25
C THR A 170 3.27 -12.58 -12.44
N ASN A 171 1.94 -12.41 -12.38
CA ASN A 171 1.31 -11.11 -12.61
C ASN A 171 1.82 -10.15 -11.54
N PRO A 172 2.41 -9.02 -11.94
CA PRO A 172 2.98 -8.07 -10.98
C PRO A 172 2.02 -7.55 -9.90
N ILE A 173 0.73 -7.36 -10.24
CA ILE A 173 -0.25 -6.94 -9.26
C ILE A 173 -0.44 -8.04 -8.21
N ARG A 174 -0.65 -9.26 -8.70
CA ARG A 174 -0.80 -10.40 -7.81
C ARG A 174 0.43 -10.53 -6.93
N LEU A 175 1.63 -10.40 -7.51
CA LEU A 175 2.87 -10.54 -6.77
C LEU A 175 2.99 -9.47 -5.69
N GLY A 176 2.68 -8.21 -6.04
CA GLY A 176 2.80 -7.09 -5.12
C GLY A 176 1.82 -7.18 -3.95
N LEU A 177 0.62 -7.68 -4.22
CA LEU A 177 -0.38 -7.94 -3.21
C LEU A 177 0.16 -8.96 -2.20
N ALA A 178 0.69 -10.08 -2.73
CA ALA A 178 1.18 -11.15 -1.87
C ALA A 178 2.34 -10.68 -1.00
N LEU A 179 3.23 -9.89 -1.62
CA LEU A 179 4.35 -9.27 -0.91
C LEU A 179 3.83 -8.44 0.26
N ASN A 180 2.89 -7.54 -0.02
CA ASN A 180 2.40 -6.63 1.03
C ASN A 180 1.62 -7.38 2.11
N PHE A 181 0.89 -8.44 1.74
CA PHE A 181 0.15 -9.21 2.73
C PHE A 181 1.13 -9.95 3.64
N SER A 182 2.23 -10.44 3.06
CA SER A 182 3.28 -11.08 3.86
C SER A 182 3.94 -10.10 4.84
N VAL A 183 4.15 -8.86 4.39
CA VAL A 183 4.63 -7.80 5.28
C VAL A 183 3.65 -7.54 6.42
N PHE A 184 2.36 -7.48 6.09
CA PHE A 184 1.31 -7.40 7.11
C PHE A 184 1.45 -8.49 8.18
N HIS A 185 1.55 -9.75 7.72
CA HIS A 185 1.66 -10.88 8.63
C HIS A 185 2.86 -10.73 9.57
N TYR A 186 4.00 -10.32 9.03
CA TYR A 186 5.23 -10.25 9.81
C TYR A 186 5.27 -9.06 10.77
N GLU A 187 5.04 -7.87 10.21
CA GLU A 187 5.21 -6.60 10.91
C GLU A 187 4.00 -6.18 11.75
N ILE A 188 2.80 -6.51 11.29
CA ILE A 188 1.60 -6.02 11.95
C ILE A 188 0.92 -7.09 12.81
N ALA A 189 0.61 -8.24 12.20
CA ALA A 189 -0.04 -9.34 12.88
C ALA A 189 0.88 -10.15 13.80
N ASN A 190 2.18 -9.90 13.73
CA ASN A 190 3.15 -10.73 14.44
C ASN A 190 2.88 -12.23 14.27
N SER A 191 2.71 -12.62 12.98
CA SER A 191 2.61 -14.00 12.56
C SER A 191 3.77 -14.29 11.61
N PRO A 192 5.00 -14.45 12.14
CA PRO A 192 6.17 -14.66 11.27
C PRO A 192 6.04 -15.92 10.40
N GLU A 193 5.41 -16.96 10.95
CA GLU A 193 5.28 -18.21 10.21
C GLU A 193 4.40 -18.05 8.97
N GLU A 194 3.27 -17.34 9.12
CA GLU A 194 2.39 -17.04 7.99
C GLU A 194 3.06 -16.16 6.94
N ALA A 195 3.88 -15.22 7.41
CA ALA A 195 4.61 -14.31 6.54
C ALA A 195 5.55 -15.08 5.62
N ILE A 196 6.38 -15.92 6.24
CA ILE A 196 7.39 -16.72 5.54
C ILE A 196 6.72 -17.69 4.58
N SER A 197 5.70 -18.37 5.08
CA SER A 197 4.95 -19.33 4.29
C SER A 197 4.37 -18.69 3.01
N LEU A 198 3.72 -17.54 3.17
CA LEU A 198 3.15 -16.85 2.03
C LEU A 198 4.22 -16.36 1.05
N ALA A 199 5.29 -15.76 1.57
CA ALA A 199 6.34 -15.22 0.72
C ALA A 199 7.01 -16.33 -0.08
N LYS A 200 7.32 -17.45 0.58
CA LYS A 200 7.99 -18.58 -0.05
C LYS A 200 7.10 -19.23 -1.10
N THR A 201 5.82 -19.43 -0.78
CA THR A 201 4.88 -20.03 -1.72
C THR A 201 4.69 -19.15 -2.95
N THR A 202 4.53 -17.86 -2.71
CA THR A 202 4.37 -16.90 -3.80
C THR A 202 5.58 -16.96 -4.72
N PHE A 203 6.77 -16.96 -4.13
CA PHE A 203 7.99 -16.96 -4.91
C PHE A 203 8.12 -18.23 -5.75
N ASP A 204 7.92 -19.39 -5.12
CA ASP A 204 8.07 -20.68 -5.75
C ASP A 204 7.07 -20.88 -6.89
N GLU A 205 5.81 -20.47 -6.69
CA GLU A 205 4.78 -20.62 -7.70
C GLU A 205 5.01 -19.70 -8.89
N ALA A 206 5.66 -18.55 -8.65
CA ALA A 206 6.03 -17.66 -9.73
C ALA A 206 7.27 -18.15 -10.48
N MET A 207 8.30 -18.59 -9.76
CA MET A 207 9.54 -19.06 -10.38
C MET A 207 9.16 -20.10 -11.43
N ALA A 208 8.19 -20.93 -11.08
CA ALA A 208 7.72 -21.99 -11.97
C ALA A 208 7.47 -21.54 -13.40
N ASP A 209 6.99 -20.28 -13.59
CA ASP A 209 6.55 -19.74 -14.89
C ASP A 209 7.47 -18.73 -15.59
N LEU A 210 8.61 -18.39 -14.96
CA LEU A 210 9.45 -17.34 -15.52
C LEU A 210 10.05 -17.68 -16.88
N HIS A 211 10.26 -18.97 -17.17
CA HIS A 211 10.88 -19.41 -18.41
C HIS A 211 9.97 -19.15 -19.61
N THR A 212 8.70 -18.85 -19.35
CA THR A 212 7.74 -18.53 -20.42
C THR A 212 7.65 -17.05 -20.76
N LEU A 213 8.33 -16.19 -20.00
CA LEU A 213 8.13 -14.74 -20.11
C LEU A 213 9.13 -14.08 -21.04
N SER A 214 8.63 -13.08 -21.78
CA SER A 214 9.47 -12.12 -22.48
C SER A 214 10.32 -11.33 -21.51
N GLU A 215 11.37 -10.72 -22.07
CA GLU A 215 12.28 -9.84 -21.34
C GLU A 215 11.56 -8.85 -20.42
N ASP A 216 10.61 -8.09 -20.97
CA ASP A 216 9.91 -7.05 -20.21
C ASP A 216 9.01 -7.58 -19.10
N SER A 217 8.21 -8.61 -19.42
CA SER A 217 7.42 -9.30 -18.41
C SER A 217 8.30 -9.84 -17.29
N TYR A 218 9.41 -10.47 -17.67
CA TYR A 218 10.34 -11.05 -16.70
C TYR A 218 10.85 -9.99 -15.73
N LYS A 219 11.25 -8.84 -16.28
CA LYS A 219 11.77 -7.75 -15.47
C LYS A 219 10.73 -7.27 -14.46
N ASP A 220 9.47 -7.09 -14.91
CA ASP A 220 8.40 -6.65 -14.03
C ASP A 220 8.11 -7.65 -12.90
N SER A 221 8.09 -8.94 -13.23
CA SER A 221 7.82 -9.96 -12.24
C SER A 221 8.96 -10.12 -11.25
N THR A 222 10.22 -10.17 -11.74
CA THR A 222 11.36 -10.43 -10.88
C THR A 222 11.71 -9.26 -9.97
N LEU A 223 11.32 -8.02 -10.37
CA LEU A 223 11.46 -6.89 -9.47
C LEU A 223 10.80 -7.19 -8.12
N ILE A 224 9.57 -7.70 -8.18
CA ILE A 224 8.81 -7.97 -6.98
C ILE A 224 9.34 -9.24 -6.33
N MET A 225 9.67 -10.25 -7.15
CA MET A 225 10.16 -11.52 -6.62
C MET A 225 11.43 -11.32 -5.79
N GLN A 226 12.27 -10.35 -6.18
CA GLN A 226 13.50 -10.10 -5.45
C GLN A 226 13.20 -9.58 -4.05
N LEU A 227 12.15 -8.75 -3.92
CA LEU A 227 11.73 -8.22 -2.65
C LEU A 227 11.23 -9.32 -1.70
N LEU A 228 10.47 -10.29 -2.25
CA LEU A 228 10.04 -11.44 -1.47
C LEU A 228 11.26 -12.18 -0.93
N ARG A 229 12.26 -12.37 -1.81
CA ARG A 229 13.53 -12.97 -1.43
C ARG A 229 14.24 -12.18 -0.34
N ASP A 230 14.31 -10.85 -0.51
CA ASP A 230 14.97 -9.97 0.46
C ASP A 230 14.33 -10.08 1.83
N ASN A 231 12.99 -10.09 1.87
CA ASN A 231 12.24 -10.30 3.10
C ASN A 231 12.52 -11.68 3.69
N LEU A 232 12.53 -12.73 2.86
CA LEU A 232 12.82 -14.06 3.40
C LEU A 232 14.19 -14.13 4.07
N THR A 233 15.18 -13.46 3.48
CA THR A 233 16.49 -13.38 4.10
C THR A 233 16.41 -12.70 5.46
N LEU A 234 15.70 -11.58 5.50
CA LEU A 234 15.54 -10.81 6.73
C LEU A 234 14.85 -11.63 7.81
N TRP A 235 13.82 -12.38 7.41
CA TRP A 235 12.91 -13.06 8.34
C TRP A 235 13.38 -14.41 8.87
N THR A 236 14.42 -14.97 8.23
CA THR A 236 14.97 -16.24 8.64
C THR A 236 16.30 -16.02 9.35
N ASP B 1 15.98 -4.23 10.74
CA ASP B 1 15.55 -3.54 9.52
C ASP B 1 14.09 -3.84 9.19
N ARG B 2 13.45 -2.88 8.52
CA ARG B 2 12.06 -3.00 8.13
C ARG B 2 11.92 -3.80 6.84
N SER B 3 10.82 -4.55 6.73
CA SER B 3 10.54 -5.35 5.55
C SER B 3 10.27 -4.46 4.36
N SER B 4 10.58 -4.96 3.17
CA SER B 4 10.26 -4.24 1.93
C SER B 4 8.85 -4.54 1.43
N SEP B 5 8.14 -3.50 0.95
CA SEP B 5 6.83 -3.67 0.37
CB SEP B 5 5.78 -2.88 1.15
OG SEP B 5 6.10 -1.47 1.11
C SEP B 5 6.88 -3.28 -1.12
O SEP B 5 7.94 -2.90 -1.62
P SEP B 5 5.15 -0.45 1.90
O1P SEP B 5 3.75 -0.63 1.36
O2P SEP B 5 5.30 -0.78 3.38
O3P SEP B 5 5.72 0.91 1.62
N ALA B 6 5.74 -3.44 -1.79
CA ALA B 6 5.66 -3.22 -3.22
C ALA B 6 5.97 -1.75 -3.60
N PRO B 7 6.84 -1.51 -4.59
CA PRO B 7 7.19 -0.15 -4.98
C PRO B 7 6.12 0.50 -5.86
N ASN B 8 6.13 1.84 -5.94
CA ASN B 8 5.34 2.56 -6.93
CA ASN B 8 5.33 2.58 -6.92
C ASN B 8 6.28 3.21 -7.94
N VAL B 9 5.89 3.17 -9.23
CA VAL B 9 6.71 3.73 -10.30
C VAL B 9 6.85 5.29 -10.16
CL CL C . 4.26 19.87 17.83
MG MG D . -3.43 10.00 16.72
CL CL E . -17.13 17.60 -17.85
#